data_1QSA
#
_entry.id   1QSA
#
_cell.length_a   78.009
_cell.length_b   87.477
_cell.length_c   132.906
_cell.angle_alpha   90.00
_cell.angle_beta   90.00
_cell.angle_gamma   90.00
#
_symmetry.space_group_name_H-M   'P 21 21 21'
#
loop_
_entity.id
_entity.type
_entity.pdbx_description
1 polymer 'PROTEIN (SOLUBLE LYTIC TRANSGLYCOSYLASE SLT70)'
2 non-polymer 'SULFATE ION'
3 non-polymer 'ACETATE ION'
4 non-polymer GLYCEROL
5 water water
#
_entity_poly.entity_id   1
_entity_poly.type   'polypeptide(L)'
_entity_poly.pdbx_seq_one_letter_code
;DSLDEQRSRYAQIKQAWDNRQMDVVEQMMPGLKDYPLYPYLEYRQITDDLMNQPAVTVTNFVRANPTLPPARTLQSRFVN
ELARREDWRGLLAFSPEKPGTTEAQCNYYYAKWNTGQSEEAWQGAKELWLTGKSQPNACDKLFSVWRASGKQDPLAYLER
IRLAMKAGNTGLVTVLAGQMPADYQTIASAIISLANNPNTVLTFARTTGATDFTRQMAAVAFASVARQDAENARLMIPSL
AQAQQLNEDQIQELRDIVAWRLMGNDVTDEQAKWRDDAIMRSQSTSLIERRVRMALGTGDRRGLNTWLARLPMEAKEKDE
WRYWQADLLLERGREAEAKEILHQLMQQRGFYPMVAAQRIGEEYELKIDKAPQNVDSALTQGPEMARVRELMYWNLDNTA
RSEWANLVKSKSKTEQAQLARYAFNNQWWDLSVQATIAGKLWDHLEERFPLAYNDLFKRYTSGKEIPQSYAMAIARQESA
WNPKVKSPVGASGLMQIMPGTATHTVKMFSIPGYSSPGQLLDPETNINIGTSYLQYVYQQFGNNRIFSSAAYNAGPGRVR
TWLGNSAGRIDAVAFVESIPFSETRGYVKNVLAYDAYYRYFMGDKPTLMSATEWGRRY
;
_entity_poly.pdbx_strand_id   A
#
# COMPACT_ATOMS: atom_id res chain seq x y z
N ASP A 1 -23.66 39.44 -4.18
CA ASP A 1 -22.59 38.39 -4.30
C ASP A 1 -23.22 37.06 -4.70
N SER A 2 -22.39 36.09 -5.07
CA SER A 2 -22.84 34.77 -5.46
C SER A 2 -21.66 33.82 -5.38
N LEU A 3 -21.96 32.53 -5.38
CA LEU A 3 -20.92 31.52 -5.35
C LEU A 3 -20.00 31.70 -6.56
N ASP A 4 -20.59 31.99 -7.72
CA ASP A 4 -19.81 32.18 -8.92
C ASP A 4 -18.82 33.36 -8.77
N GLU A 5 -19.28 34.48 -8.23
CA GLU A 5 -18.40 35.64 -8.05
C GLU A 5 -17.32 35.33 -7.00
N GLN A 6 -17.69 34.63 -5.94
CA GLN A 6 -16.74 34.25 -4.90
C GLN A 6 -15.62 33.38 -5.48
N ARG A 7 -15.97 32.49 -6.39
CA ARG A 7 -14.98 31.61 -7.04
C ARG A 7 -13.88 32.43 -7.70
N SER A 8 -14.26 33.47 -8.44
CA SER A 8 -13.27 34.33 -9.11
C SER A 8 -12.39 35.02 -8.07
N ARG A 9 -13.00 35.59 -7.02
CA ARG A 9 -12.24 36.27 -5.98
C ARG A 9 -11.31 35.31 -5.25
N TYR A 10 -11.73 34.05 -5.12
CA TYR A 10 -10.91 33.03 -4.44
C TYR A 10 -9.64 32.77 -5.25
N ALA A 11 -9.78 32.52 -6.54
CA ALA A 11 -8.62 32.28 -7.40
C ALA A 11 -7.71 33.53 -7.39
N GLN A 12 -8.32 34.70 -7.40
CA GLN A 12 -7.57 35.95 -7.42
C GLN A 12 -6.80 36.23 -6.14
N ILE A 13 -7.39 35.93 -4.99
CA ILE A 13 -6.69 36.17 -3.74
C ILE A 13 -5.51 35.22 -3.60
N LYS A 14 -5.64 34.00 -4.10
CA LYS A 14 -4.55 33.02 -4.04
C LYS A 14 -3.41 33.46 -4.95
N GLN A 15 -3.75 34.01 -6.11
CA GLN A 15 -2.74 34.51 -7.04
C GLN A 15 -1.96 35.64 -6.37
N ALA A 16 -2.68 36.56 -5.71
CA ALA A 16 -2.03 37.68 -5.02
C ALA A 16 -1.14 37.18 -3.88
N TRP A 17 -1.68 36.26 -3.08
CA TRP A 17 -0.96 35.69 -1.94
C TRP A 17 0.31 34.97 -2.39
N ASP A 18 0.25 34.26 -3.52
CA ASP A 18 1.41 33.55 -4.03
C ASP A 18 2.53 34.54 -4.42
N ASN A 19 2.14 35.75 -4.79
CA ASN A 19 3.08 36.81 -5.18
C ASN A 19 3.46 37.70 -4.00
N ARG A 20 2.92 37.39 -2.81
CA ARG A 20 3.12 38.16 -1.59
C ARG A 20 2.62 39.61 -1.70
N GLN A 21 1.56 39.79 -2.49
CA GLN A 21 0.93 41.10 -2.64
C GLN A 21 -0.08 41.12 -1.51
N MET A 22 0.44 41.33 -0.30
CA MET A 22 -0.39 41.31 0.88
C MET A 22 -1.38 42.44 1.04
N ASP A 23 -1.15 43.54 0.32
CA ASP A 23 -2.09 44.65 0.36
C ASP A 23 -3.38 44.18 -0.32
N VAL A 24 -3.23 43.41 -1.40
CA VAL A 24 -4.37 42.86 -2.13
C VAL A 24 -5.06 41.81 -1.24
N VAL A 25 -4.27 40.91 -0.64
CA VAL A 25 -4.85 39.87 0.22
C VAL A 25 -5.65 40.45 1.39
N GLU A 26 -5.07 41.44 2.06
CA GLU A 26 -5.73 42.06 3.21
C GLU A 26 -7.08 42.67 2.86
N GLN A 27 -7.13 43.32 1.69
CA GLN A 27 -8.35 43.95 1.24
C GLN A 27 -9.43 42.94 0.83
N MET A 28 -9.00 41.83 0.22
CA MET A 28 -9.91 40.80 -0.26
C MET A 28 -10.43 39.78 0.75
N MET A 29 -9.64 39.50 1.78
CA MET A 29 -10.03 38.49 2.75
C MET A 29 -11.41 38.61 3.37
N PRO A 30 -11.77 39.78 3.95
CA PRO A 30 -13.09 39.93 4.56
C PRO A 30 -14.28 39.64 3.64
N GLY A 31 -14.13 39.97 2.36
CA GLY A 31 -15.20 39.75 1.41
C GLY A 31 -15.43 38.29 1.05
N LEU A 32 -14.53 37.40 1.48
CA LEU A 32 -14.66 35.99 1.16
C LEU A 32 -15.17 35.11 2.33
N LYS A 33 -15.61 35.75 3.41
CA LYS A 33 -16.08 34.98 4.58
C LYS A 33 -17.20 33.99 4.30
N ASP A 34 -18.06 34.30 3.33
CA ASP A 34 -19.17 33.40 3.01
C ASP A 34 -18.84 32.29 2.02
N TYR A 35 -17.64 32.32 1.44
CA TYR A 35 -17.24 31.28 0.48
C TYR A 35 -16.87 30.00 1.26
N PRO A 36 -17.32 28.81 0.80
CA PRO A 36 -17.00 27.56 1.52
C PRO A 36 -15.55 27.34 1.88
N LEU A 37 -14.64 27.78 1.02
CA LEU A 37 -13.22 27.57 1.31
C LEU A 37 -12.53 28.66 2.15
N TYR A 38 -13.31 29.60 2.70
CA TYR A 38 -12.72 30.64 3.55
C TYR A 38 -11.87 30.05 4.68
N PRO A 39 -12.30 28.94 5.33
CA PRO A 39 -11.47 28.37 6.40
C PRO A 39 -10.06 28.00 5.95
N TYR A 40 -9.90 27.62 4.67
CA TYR A 40 -8.57 27.32 4.13
C TYR A 40 -7.71 28.59 4.07
N LEU A 41 -8.34 29.72 3.76
CA LEU A 41 -7.62 31.01 3.73
C LEU A 41 -7.19 31.38 5.16
N GLU A 42 -8.08 31.15 6.12
CA GLU A 42 -7.76 31.47 7.51
C GLU A 42 -6.60 30.61 7.97
N TYR A 43 -6.60 29.34 7.56
CA TYR A 43 -5.54 28.41 7.93
C TYR A 43 -4.23 28.91 7.37
N ARG A 44 -4.24 29.36 6.11
CA ARG A 44 -3.04 29.87 5.48
C ARG A 44 -2.51 31.10 6.23
N GLN A 45 -3.43 31.99 6.62
CA GLN A 45 -3.06 33.21 7.35
C GLN A 45 -2.44 32.86 8.71
N ILE A 46 -3.06 31.95 9.44
CA ILE A 46 -2.56 31.57 10.76
C ILE A 46 -1.18 30.93 10.66
N THR A 47 -1.03 29.99 9.74
CA THR A 47 0.25 29.29 9.56
C THR A 47 1.37 30.12 8.97
N ASP A 48 1.01 31.20 8.29
CA ASP A 48 2.00 32.10 7.70
C ASP A 48 2.86 32.75 8.77
N ASP A 49 2.31 32.89 9.98
CA ASP A 49 3.04 33.52 11.07
C ASP A 49 2.89 32.64 12.32
N LEU A 50 2.97 31.32 12.13
CA LEU A 50 2.79 30.40 13.26
C LEU A 50 3.73 30.63 14.44
N MET A 51 4.95 31.07 14.16
CA MET A 51 5.93 31.30 15.25
C MET A 51 5.55 32.44 16.19
N ASN A 52 4.63 33.30 15.76
CA ASN A 52 4.21 34.44 16.56
C ASN A 52 2.74 34.40 16.97
N GLN A 53 2.09 33.27 16.70
CA GLN A 53 0.67 33.15 17.04
C GLN A 53 0.40 32.78 18.49
N PRO A 54 -0.53 33.52 19.14
CA PRO A 54 -0.84 33.16 20.53
C PRO A 54 -1.73 31.90 20.48
N ALA A 55 -1.62 31.05 21.49
CA ALA A 55 -2.38 29.82 21.53
C ALA A 55 -3.90 30.03 21.38
N VAL A 56 -4.42 31.12 21.93
CA VAL A 56 -5.84 31.39 21.86
C VAL A 56 -6.36 31.49 20.42
N THR A 57 -5.55 32.06 19.53
CA THR A 57 -5.95 32.20 18.13
C THR A 57 -6.07 30.80 17.50
N VAL A 58 -5.12 29.93 17.82
CA VAL A 58 -5.12 28.58 17.27
C VAL A 58 -6.28 27.76 17.83
N THR A 59 -6.45 27.81 19.14
CA THR A 59 -7.53 27.11 19.81
C THR A 59 -8.88 27.54 19.23
N ASN A 60 -9.08 28.84 19.05
CA ASN A 60 -10.35 29.35 18.50
C ASN A 60 -10.61 28.81 17.10
N PHE A 61 -9.56 28.77 16.28
CA PHE A 61 -9.69 28.27 14.91
C PHE A 61 -10.02 26.77 14.89
N VAL A 62 -9.32 25.99 15.70
CA VAL A 62 -9.55 24.57 15.75
C VAL A 62 -10.97 24.26 16.24
N ARG A 63 -11.42 24.96 17.28
CA ARG A 63 -12.76 24.71 17.82
C ARG A 63 -13.87 25.12 16.85
N ALA A 64 -13.61 26.16 16.06
CA ALA A 64 -14.58 26.67 15.10
C ALA A 64 -14.67 25.85 13.82
N ASN A 65 -13.70 24.98 13.59
CA ASN A 65 -13.64 24.19 12.36
C ASN A 65 -13.40 22.70 12.65
N PRO A 66 -14.32 22.04 13.37
CA PRO A 66 -14.21 20.62 13.74
C PRO A 66 -14.05 19.60 12.62
N THR A 67 -14.60 19.89 11.44
CA THR A 67 -14.51 18.95 10.32
C THR A 67 -13.52 19.35 9.22
N LEU A 68 -12.77 20.43 9.45
CA LEU A 68 -11.80 20.89 8.47
C LEU A 68 -10.51 20.07 8.66
N PRO A 69 -10.10 19.27 7.65
CA PRO A 69 -8.87 18.48 7.83
C PRO A 69 -7.63 19.27 8.31
N PRO A 70 -7.31 20.42 7.68
CA PRO A 70 -6.12 21.12 8.20
C PRO A 70 -6.26 21.70 9.62
N ALA A 71 -7.48 21.91 10.11
CA ALA A 71 -7.65 22.39 11.48
C ALA A 71 -7.27 21.23 12.42
N ARG A 72 -7.56 20.00 11.98
CA ARG A 72 -7.23 18.84 12.79
C ARG A 72 -5.73 18.60 12.84
N THR A 73 -5.04 18.79 11.72
CA THR A 73 -3.60 18.62 11.69
C THR A 73 -2.91 19.78 12.42
N LEU A 74 -3.55 20.94 12.43
CA LEU A 74 -2.98 22.13 13.10
C LEU A 74 -2.78 21.91 14.60
N GLN A 75 -3.59 21.05 15.21
CA GLN A 75 -3.49 20.73 16.64
C GLN A 75 -2.09 20.16 16.95
N SER A 76 -1.69 19.13 16.20
CA SER A 76 -0.37 18.54 16.38
C SER A 76 0.75 19.48 15.91
N ARG A 77 0.52 20.23 14.82
CA ARG A 77 1.52 21.16 14.33
C ARG A 77 1.81 22.28 15.35
N PHE A 78 0.77 22.78 16.01
CA PHE A 78 0.96 23.84 16.99
C PHE A 78 1.60 23.30 18.27
N VAL A 79 1.31 22.03 18.59
CA VAL A 79 1.95 21.41 19.75
C VAL A 79 3.46 21.42 19.49
N ASN A 80 3.85 21.09 18.27
CA ASN A 80 5.27 21.08 17.91
C ASN A 80 5.85 22.52 17.96
N GLU A 81 5.04 23.53 17.60
CA GLU A 81 5.50 24.91 17.66
C GLU A 81 5.72 25.34 19.12
N LEU A 82 4.79 24.97 20.00
CA LEU A 82 4.93 25.32 21.41
C LEU A 82 6.17 24.61 21.98
N ALA A 83 6.46 23.41 21.48
CA ALA A 83 7.65 22.68 21.94
C ALA A 83 8.90 23.43 21.46
N ARG A 84 8.85 23.98 20.25
CA ARG A 84 9.98 24.74 19.70
C ARG A 84 10.26 25.97 20.57
N ARG A 85 9.19 26.60 21.09
CA ARG A 85 9.32 27.78 21.97
C ARG A 85 9.72 27.36 23.39
N GLU A 86 9.75 26.06 23.65
CA GLU A 86 10.03 25.49 24.98
C GLU A 86 8.97 25.94 26.00
N ASP A 87 7.76 26.18 25.49
CA ASP A 87 6.63 26.60 26.29
C ASP A 87 5.88 25.32 26.71
N TRP A 88 6.48 24.59 27.65
CA TRP A 88 5.92 23.31 28.11
C TRP A 88 4.57 23.47 28.80
N ARG A 89 4.44 24.49 29.64
CA ARG A 89 3.19 24.76 30.33
C ARG A 89 2.10 25.08 29.27
N GLY A 90 2.47 25.92 28.30
CA GLY A 90 1.53 26.29 27.25
C GLY A 90 1.11 25.13 26.37
N LEU A 91 2.05 24.22 26.11
CA LEU A 91 1.78 23.04 25.30
C LEU A 91 0.65 22.22 25.93
N LEU A 92 0.76 21.96 27.23
CA LEU A 92 -0.27 21.19 27.93
C LEU A 92 -1.59 21.95 28.10
N ALA A 93 -1.53 23.27 28.14
CA ALA A 93 -2.74 24.07 28.27
C ALA A 93 -3.47 24.04 26.93
N PHE A 94 -2.70 24.01 25.85
CA PHE A 94 -3.25 23.98 24.50
C PHE A 94 -3.73 22.58 24.11
N SER A 95 -2.99 21.57 24.56
CA SER A 95 -3.30 20.17 24.26
C SER A 95 -3.22 19.34 25.55
N PRO A 96 -4.26 19.44 26.42
CA PRO A 96 -4.26 18.67 27.67
C PRO A 96 -4.27 17.16 27.46
N GLU A 97 -4.82 16.72 26.32
CA GLU A 97 -4.88 15.30 25.97
C GLU A 97 -3.78 14.96 24.95
N LYS A 98 -3.40 13.68 24.93
CA LYS A 98 -2.37 13.18 24.02
C LYS A 98 -2.72 13.57 22.56
N PRO A 99 -1.80 14.25 21.86
CA PRO A 99 -2.07 14.65 20.47
C PRO A 99 -2.05 13.51 19.46
N GLY A 100 -2.36 13.84 18.21
CA GLY A 100 -2.45 12.84 17.16
C GLY A 100 -1.21 12.26 16.51
N THR A 101 -0.21 13.08 16.23
CA THR A 101 0.98 12.58 15.57
C THR A 101 2.03 12.09 16.54
N THR A 102 2.92 11.23 16.06
CA THR A 102 3.97 10.71 16.92
C THR A 102 4.88 11.83 17.40
N GLU A 103 5.24 12.75 16.50
CA GLU A 103 6.12 13.86 16.86
C GLU A 103 5.48 14.71 17.97
N ALA A 104 4.19 15.03 17.81
CA ALA A 104 3.47 15.80 18.84
C ALA A 104 3.38 15.02 20.15
N GLN A 105 3.26 13.69 20.08
CA GLN A 105 3.19 12.87 21.29
C GLN A 105 4.51 12.91 22.04
N CYS A 106 5.62 12.87 21.28
CA CYS A 106 6.96 12.94 21.87
C CYS A 106 7.06 14.25 22.67
N ASN A 107 6.58 15.33 22.07
CA ASN A 107 6.64 16.63 22.72
C ASN A 107 5.69 16.76 23.91
N TYR A 108 4.53 16.11 23.79
CA TYR A 108 3.52 16.11 24.86
C TYR A 108 4.10 15.46 26.11
N TYR A 109 4.71 14.28 25.94
CA TYR A 109 5.30 13.60 27.10
C TYR A 109 6.51 14.31 27.66
N TYR A 110 7.29 14.97 26.81
CA TYR A 110 8.45 15.73 27.32
C TYR A 110 7.87 16.92 28.12
N ALA A 111 6.76 17.49 27.66
CA ALA A 111 6.13 18.60 28.38
C ALA A 111 5.64 18.11 29.76
N LYS A 112 5.14 16.88 29.81
CA LYS A 112 4.69 16.27 31.07
C LYS A 112 5.87 16.18 32.04
N TRP A 113 7.02 15.72 31.57
CA TRP A 113 8.21 15.63 32.43
C TRP A 113 8.61 17.01 32.96
N ASN A 114 8.63 18.00 32.05
CA ASN A 114 9.01 19.37 32.40
C ASN A 114 8.09 20.05 33.40
N THR A 115 6.87 19.54 33.50
CA THR A 115 5.88 20.11 34.41
C THR A 115 5.57 19.21 35.59
N GLY A 116 6.58 18.42 35.96
CA GLY A 116 6.51 17.52 37.12
C GLY A 116 5.68 16.26 37.07
N GLN A 117 5.31 15.81 35.88
CA GLN A 117 4.50 14.60 35.74
C GLN A 117 5.37 13.48 35.17
N SER A 118 6.45 13.16 35.88
CA SER A 118 7.39 12.13 35.42
C SER A 118 6.78 10.74 35.18
N GLU A 119 5.98 10.25 36.11
CA GLU A 119 5.37 8.92 35.98
C GLU A 119 4.57 8.81 34.68
N GLU A 120 3.81 9.85 34.37
CA GLU A 120 3.01 9.87 33.16
C GLU A 120 3.92 9.99 31.92
N ALA A 121 4.98 10.79 32.05
CA ALA A 121 5.93 10.98 30.97
C ALA A 121 6.59 9.65 30.59
N TRP A 122 6.95 8.85 31.60
CA TRP A 122 7.60 7.56 31.36
C TRP A 122 6.66 6.52 30.74
N GLN A 123 5.38 6.57 31.11
CA GLN A 123 4.39 5.67 30.53
C GLN A 123 4.30 5.98 29.04
N GLY A 124 4.27 7.27 28.69
CA GLY A 124 4.19 7.66 27.29
C GLY A 124 5.46 7.33 26.54
N ALA A 125 6.59 7.62 27.17
CA ALA A 125 7.91 7.35 26.58
C ALA A 125 8.05 5.87 26.24
N LYS A 126 7.66 4.99 27.17
CA LYS A 126 7.77 3.55 26.95
C LYS A 126 6.97 3.08 25.74
N GLU A 127 5.76 3.63 25.58
CA GLU A 127 4.91 3.28 24.46
C GLU A 127 5.53 3.72 23.13
N LEU A 128 6.15 4.90 23.13
CA LEU A 128 6.79 5.45 21.94
C LEU A 128 8.11 4.73 21.63
N TRP A 129 8.72 4.17 22.67
CA TRP A 129 9.99 3.48 22.56
C TRP A 129 9.90 2.08 21.97
N LEU A 130 8.86 1.36 22.33
CA LEU A 130 8.70 -0.03 21.90
C LEU A 130 8.27 -0.26 20.46
N THR A 131 9.20 0.06 19.57
CA THR A 131 9.03 -0.10 18.13
C THR A 131 10.41 -0.17 17.48
N GLY A 132 10.51 -0.98 16.43
CA GLY A 132 11.76 -1.12 15.69
C GLY A 132 11.95 0.01 14.70
N LYS A 133 10.91 0.81 14.50
CA LYS A 133 10.96 1.96 13.60
C LYS A 133 11.73 3.14 14.25
N SER A 134 12.37 3.95 13.41
CA SER A 134 13.06 5.14 13.89
C SER A 134 11.95 6.16 14.12
N GLN A 135 11.92 6.70 15.34
CA GLN A 135 10.91 7.68 15.75
C GLN A 135 11.37 9.13 15.50
N PRO A 136 10.45 10.12 15.61
CA PRO A 136 10.84 11.51 15.38
C PRO A 136 12.02 11.96 16.24
N ASN A 137 12.81 12.88 15.70
CA ASN A 137 13.96 13.44 16.41
C ASN A 137 13.48 14.05 17.73
N ALA A 138 12.23 14.52 17.75
CA ALA A 138 11.62 15.12 18.95
C ALA A 138 11.61 14.15 20.16
N CYS A 139 11.56 12.85 19.89
CA CYS A 139 11.54 11.86 20.96
C CYS A 139 12.89 11.64 21.62
N ASP A 140 13.96 12.05 20.95
CA ASP A 140 15.29 11.84 21.53
C ASP A 140 15.46 12.45 22.92
N LYS A 141 15.03 13.69 23.09
CA LYS A 141 15.14 14.35 24.40
C LYS A 141 14.30 13.63 25.47
N LEU A 142 13.17 13.07 25.05
CA LEU A 142 12.27 12.34 25.94
C LEU A 142 12.90 11.01 26.37
N PHE A 143 13.44 10.26 25.41
CA PHE A 143 14.07 8.98 25.71
C PHE A 143 15.30 9.22 26.60
N SER A 144 15.99 10.33 26.38
CA SER A 144 17.17 10.68 27.16
C SER A 144 16.83 10.93 28.63
N VAL A 145 15.84 11.78 28.91
CA VAL A 145 15.47 12.05 30.30
C VAL A 145 14.85 10.83 30.97
N TRP A 146 14.14 10.02 30.18
CA TRP A 146 13.52 8.80 30.68
C TRP A 146 14.59 7.87 31.21
N ARG A 147 15.63 7.66 30.41
CA ARG A 147 16.74 6.81 30.82
C ARG A 147 17.49 7.43 32.01
N ALA A 148 17.68 8.75 32.00
CA ALA A 148 18.38 9.44 33.08
C ALA A 148 17.66 9.35 34.43
N SER A 149 16.35 9.11 34.41
CA SER A 149 15.55 9.02 35.62
C SER A 149 15.75 7.73 36.40
N GLY A 150 16.28 6.70 35.74
CA GLY A 150 16.49 5.41 36.37
C GLY A 150 15.26 4.54 36.25
N LYS A 151 14.21 5.06 35.61
CA LYS A 151 12.96 4.33 35.47
C LYS A 151 12.83 3.51 34.19
N GLN A 152 13.85 3.56 33.33
CA GLN A 152 13.82 2.79 32.09
C GLN A 152 14.31 1.37 32.37
N ASP A 153 13.39 0.40 32.30
CA ASP A 153 13.70 -1.01 32.52
C ASP A 153 14.73 -1.44 31.47
N PRO A 154 15.89 -1.97 31.89
CA PRO A 154 16.90 -2.38 30.91
C PRO A 154 16.33 -3.42 29.91
N LEU A 155 15.37 -4.22 30.36
CA LEU A 155 14.75 -5.20 29.46
C LEU A 155 14.01 -4.49 28.33
N ALA A 156 13.48 -3.29 28.58
CA ALA A 156 12.77 -2.53 27.55
C ALA A 156 13.80 -2.02 26.54
N TYR A 157 15.00 -1.71 27.01
CA TYR A 157 16.08 -1.23 26.14
C TYR A 157 16.46 -2.35 25.18
N LEU A 158 16.70 -3.54 25.74
CA LEU A 158 17.09 -4.70 24.95
C LEU A 158 15.98 -5.11 23.97
N GLU A 159 14.72 -4.96 24.40
CA GLU A 159 13.57 -5.28 23.55
C GLU A 159 13.52 -4.41 22.29
N ARG A 160 13.87 -3.12 22.43
CA ARG A 160 13.86 -2.28 21.25
C ARG A 160 14.93 -2.72 20.25
N ILE A 161 16.06 -3.22 20.75
CA ILE A 161 17.13 -3.71 19.87
C ILE A 161 16.60 -4.91 19.07
N ARG A 162 15.86 -5.79 19.75
CA ARG A 162 15.27 -6.96 19.09
C ARG A 162 14.27 -6.50 18.02
N LEU A 163 13.41 -5.53 18.37
CA LEU A 163 12.42 -5.02 17.44
C LEU A 163 13.07 -4.32 16.24
N ALA A 164 14.12 -3.55 16.49
CA ALA A 164 14.82 -2.84 15.42
C ALA A 164 15.47 -3.85 14.46
N MET A 165 16.06 -4.90 15.01
CA MET A 165 16.71 -5.94 14.20
C MET A 165 15.69 -6.63 13.31
N LYS A 166 14.55 -7.00 13.88
CA LYS A 166 13.48 -7.68 13.14
C LYS A 166 12.93 -6.81 12.03
N ALA A 167 12.89 -5.50 12.27
CA ALA A 167 12.40 -4.55 11.27
C ALA A 167 13.42 -4.22 10.18
N GLY A 168 14.65 -4.71 10.32
CA GLY A 168 15.70 -4.43 9.35
C GLY A 168 16.37 -3.07 9.59
N ASN A 169 16.06 -2.46 10.73
CA ASN A 169 16.62 -1.15 11.09
C ASN A 169 17.95 -1.38 11.79
N THR A 170 18.93 -1.86 11.02
CA THR A 170 20.26 -2.16 11.56
C THR A 170 20.99 -0.91 12.02
N GLY A 171 20.67 0.25 11.44
CA GLY A 171 21.27 1.49 11.88
C GLY A 171 20.86 1.76 13.32
N LEU A 172 19.57 1.57 13.62
CA LEU A 172 19.07 1.79 14.98
C LEU A 172 19.65 0.72 15.93
N VAL A 173 19.76 -0.52 15.45
CA VAL A 173 20.35 -1.58 16.28
C VAL A 173 21.74 -1.14 16.76
N THR A 174 22.52 -0.61 15.82
CA THR A 174 23.87 -0.15 16.09
C THR A 174 23.92 1.04 17.05
N VAL A 175 23.03 2.04 16.84
CA VAL A 175 23.00 3.20 17.73
C VAL A 175 22.65 2.77 19.16
N LEU A 176 21.66 1.89 19.29
CA LEU A 176 21.23 1.42 20.60
C LEU A 176 22.34 0.63 21.31
N ALA A 177 22.97 -0.28 20.57
CA ALA A 177 24.05 -1.09 21.14
C ALA A 177 25.27 -0.23 21.48
N GLY A 178 25.48 0.85 20.74
CA GLY A 178 26.59 1.76 21.02
C GLY A 178 26.40 2.49 22.34
N GLN A 179 25.15 2.64 22.77
CA GLN A 179 24.82 3.30 24.03
C GLN A 179 24.26 2.27 25.03
N MET A 180 24.67 1.00 24.89
CA MET A 180 24.16 -0.06 25.74
C MET A 180 24.27 0.12 27.26
N PRO A 181 23.19 -0.17 28.01
CA PRO A 181 23.25 -0.04 29.47
C PRO A 181 24.30 -1.06 29.94
N ALA A 182 24.92 -0.80 31.08
CA ALA A 182 25.95 -1.71 31.62
C ALA A 182 25.53 -3.17 31.73
N ASP A 183 24.24 -3.41 31.96
CA ASP A 183 23.69 -4.76 32.10
C ASP A 183 24.05 -5.68 30.94
N TYR A 184 24.03 -5.14 29.72
CA TYR A 184 24.29 -5.92 28.52
C TYR A 184 25.50 -5.48 27.71
N GLN A 185 26.39 -4.70 28.34
CA GLN A 185 27.59 -4.21 27.66
C GLN A 185 28.43 -5.33 27.06
N THR A 186 28.43 -6.49 27.71
CA THR A 186 29.24 -7.62 27.27
C THR A 186 28.89 -8.15 25.87
N ILE A 187 27.66 -7.94 25.41
CA ILE A 187 27.27 -8.37 24.06
C ILE A 187 27.10 -7.21 23.07
N ALA A 188 27.37 -5.97 23.49
CA ALA A 188 27.20 -4.80 22.62
C ALA A 188 28.00 -4.87 21.32
N SER A 189 29.30 -5.14 21.42
CA SER A 189 30.16 -5.21 20.25
C SER A 189 29.71 -6.28 19.27
N ALA A 190 29.29 -7.43 19.80
CA ALA A 190 28.83 -8.54 18.98
C ALA A 190 27.56 -8.14 18.21
N ILE A 191 26.67 -7.41 18.89
CA ILE A 191 25.42 -6.95 18.26
C ILE A 191 25.74 -5.95 17.13
N ILE A 192 26.64 -5.02 17.40
CA ILE A 192 27.03 -4.02 16.39
C ILE A 192 27.63 -4.76 15.18
N SER A 193 28.43 -5.78 15.45
CA SER A 193 29.04 -6.55 14.35
C SER A 193 27.99 -7.28 13.53
N LEU A 194 26.94 -7.77 14.19
CA LEU A 194 25.87 -8.51 13.53
C LEU A 194 25.03 -7.57 12.64
N ALA A 195 24.74 -6.38 13.15
CA ALA A 195 23.97 -5.37 12.40
C ALA A 195 24.79 -4.87 11.21
N ASN A 196 26.11 -4.81 11.38
CA ASN A 196 27.00 -4.35 10.32
C ASN A 196 27.13 -5.37 9.18
N ASN A 197 27.27 -6.64 9.56
CA ASN A 197 27.43 -7.72 8.59
C ASN A 197 26.82 -9.00 9.16
N PRO A 198 25.67 -9.42 8.60
CA PRO A 198 24.97 -10.62 9.05
C PRO A 198 25.78 -11.90 8.90
N ASN A 199 26.86 -11.83 8.13
CA ASN A 199 27.71 -13.00 7.95
C ASN A 199 28.51 -13.34 9.20
N THR A 200 28.46 -12.48 10.21
CA THR A 200 29.14 -12.77 11.47
C THR A 200 28.20 -13.59 12.39
N VAL A 201 27.05 -14.00 11.85
CA VAL A 201 26.07 -14.74 12.65
C VAL A 201 26.53 -15.99 13.40
N LEU A 202 27.36 -16.83 12.78
CA LEU A 202 27.81 -18.03 13.47
C LEU A 202 28.77 -17.66 14.61
N THR A 203 29.61 -16.66 14.38
CA THR A 203 30.54 -16.18 15.41
C THR A 203 29.71 -15.57 16.56
N PHE A 204 28.68 -14.80 16.19
CA PHE A 204 27.78 -14.19 17.18
C PHE A 204 27.14 -15.28 18.04
N ALA A 205 26.64 -16.32 17.38
CA ALA A 205 25.98 -17.44 18.06
C ALA A 205 26.89 -18.24 19.00
N ARG A 206 28.15 -18.40 18.62
CA ARG A 206 29.11 -19.15 19.41
C ARG A 206 29.75 -18.37 20.55
N THR A 207 29.91 -17.06 20.37
CA THR A 207 30.55 -16.23 21.39
C THR A 207 29.63 -15.56 22.40
N THR A 208 28.32 -15.69 22.21
CA THR A 208 27.35 -15.11 23.16
C THR A 208 26.55 -16.26 23.76
N GLY A 209 25.99 -16.02 24.94
CA GLY A 209 25.17 -17.03 25.58
C GLY A 209 23.86 -17.13 24.85
N ALA A 210 23.45 -18.36 24.54
CA ALA A 210 22.20 -18.61 23.84
C ALA A 210 21.01 -18.35 24.75
N THR A 211 20.18 -17.39 24.36
CA THR A 211 18.99 -17.00 25.09
C THR A 211 17.91 -16.70 24.06
N ASP A 212 16.69 -16.43 24.51
CA ASP A 212 15.62 -16.11 23.58
C ASP A 212 16.05 -14.89 22.74
N PHE A 213 16.73 -13.95 23.38
CA PHE A 213 17.19 -12.75 22.69
C PHE A 213 18.24 -13.05 21.60
N THR A 214 19.33 -13.72 21.96
CA THR A 214 20.38 -13.99 20.99
C THR A 214 19.94 -14.95 19.89
N ARG A 215 18.96 -15.82 20.19
CA ARG A 215 18.46 -16.76 19.18
C ARG A 215 17.64 -15.98 18.15
N GLN A 216 16.81 -15.06 18.63
CA GLN A 216 15.99 -14.25 17.71
C GLN A 216 16.85 -13.31 16.87
N MET A 217 17.88 -12.73 17.48
CA MET A 217 18.79 -11.84 16.77
C MET A 217 19.51 -12.64 15.68
N ALA A 218 20.00 -13.82 16.03
CA ALA A 218 20.71 -14.65 15.05
C ALA A 218 19.79 -15.12 13.91
N ALA A 219 18.53 -15.40 14.21
CA ALA A 219 17.59 -15.85 13.19
C ALA A 219 17.33 -14.76 12.14
N VAL A 220 17.32 -13.50 12.57
CA VAL A 220 17.13 -12.41 11.60
C VAL A 220 18.39 -12.30 10.71
N ALA A 221 19.57 -12.32 11.33
CA ALA A 221 20.81 -12.23 10.57
C ALA A 221 20.92 -13.41 9.60
N PHE A 222 20.48 -14.58 10.05
CA PHE A 222 20.54 -15.79 9.24
C PHE A 222 19.71 -15.61 7.97
N ALA A 223 18.54 -14.99 8.11
CA ALA A 223 17.68 -14.72 6.96
C ALA A 223 18.41 -13.78 5.97
N SER A 224 19.17 -12.81 6.49
CA SER A 224 19.91 -11.88 5.61
C SER A 224 21.01 -12.65 4.86
N VAL A 225 21.65 -13.58 5.56
CA VAL A 225 22.71 -14.40 4.95
C VAL A 225 22.11 -15.26 3.85
N ALA A 226 20.94 -15.86 4.10
CA ALA A 226 20.28 -16.71 3.10
C ALA A 226 19.87 -15.94 1.86
N ARG A 227 19.53 -14.66 2.04
CA ARG A 227 19.14 -13.82 0.93
C ARG A 227 20.33 -13.56 0.01
N GLN A 228 21.53 -13.49 0.60
CA GLN A 228 22.76 -13.26 -0.15
C GLN A 228 23.29 -14.55 -0.79
N ASP A 229 23.23 -15.64 -0.03
CA ASP A 229 23.76 -16.93 -0.47
C ASP A 229 22.98 -18.06 0.21
N ALA A 230 21.99 -18.60 -0.49
CA ALA A 230 21.15 -19.66 0.05
C ALA A 230 21.91 -20.92 0.45
N GLU A 231 22.96 -21.26 -0.29
CA GLU A 231 23.75 -22.46 0.02
C GLU A 231 24.58 -22.28 1.29
N ASN A 232 25.19 -21.11 1.44
CA ASN A 232 25.99 -20.82 2.64
C ASN A 232 25.08 -20.97 3.86
N ALA A 233 23.86 -20.46 3.76
CA ALA A 233 22.90 -20.56 4.85
C ALA A 233 22.44 -22.00 5.10
N ARG A 234 22.17 -22.74 4.03
CA ARG A 234 21.73 -24.13 4.16
C ARG A 234 22.76 -24.97 4.91
N LEU A 235 24.03 -24.78 4.55
CA LEU A 235 25.13 -25.53 5.16
C LEU A 235 25.45 -25.14 6.60
N MET A 236 25.03 -23.94 6.99
CA MET A 236 25.26 -23.43 8.34
C MET A 236 24.29 -23.91 9.41
N ILE A 237 23.13 -24.42 9.00
CA ILE A 237 22.12 -24.83 9.97
C ILE A 237 22.61 -25.74 11.10
N PRO A 238 23.35 -26.82 10.78
CA PRO A 238 23.79 -27.69 11.88
C PRO A 238 24.65 -26.95 12.92
N SER A 239 25.62 -26.16 12.44
CA SER A 239 26.50 -25.41 13.32
C SER A 239 25.75 -24.38 14.17
N LEU A 240 24.78 -23.70 13.55
CA LEU A 240 23.99 -22.69 14.26
C LEU A 240 23.09 -23.35 15.31
N ALA A 241 22.45 -24.46 14.93
CA ALA A 241 21.56 -25.18 15.85
C ALA A 241 22.34 -25.67 17.06
N GLN A 242 23.57 -26.13 16.83
CA GLN A 242 24.42 -26.63 17.90
C GLN A 242 24.94 -25.49 18.80
N ALA A 243 25.34 -24.37 18.18
CA ALA A 243 25.85 -23.22 18.93
C ALA A 243 24.83 -22.60 19.89
N GLN A 244 23.55 -22.66 19.53
CA GLN A 244 22.50 -22.07 20.37
C GLN A 244 21.51 -23.07 20.96
N GLN A 245 21.84 -24.36 20.85
CA GLN A 245 21.00 -25.46 21.36
C GLN A 245 19.54 -25.25 20.95
N LEU A 246 19.34 -24.95 19.67
CA LEU A 246 17.98 -24.71 19.17
C LEU A 246 17.04 -25.90 19.25
N ASN A 247 15.78 -25.61 19.59
CA ASN A 247 14.77 -26.65 19.67
C ASN A 247 14.24 -26.95 18.27
N GLU A 248 13.33 -27.93 18.17
CA GLU A 248 12.78 -28.31 16.87
C GLU A 248 12.09 -27.19 16.10
N ASP A 249 11.31 -26.37 16.79
CA ASP A 249 10.62 -25.25 16.14
C ASP A 249 11.61 -24.22 15.59
N GLN A 250 12.64 -23.93 16.38
CA GLN A 250 13.66 -22.97 15.98
C GLN A 250 14.46 -23.47 14.78
N ILE A 251 14.80 -24.76 14.76
CA ILE A 251 15.52 -25.34 13.65
C ILE A 251 14.65 -25.32 12.39
N GLN A 252 13.36 -25.61 12.55
CA GLN A 252 12.46 -25.60 11.40
C GLN A 252 12.32 -24.19 10.82
N GLU A 253 12.37 -23.17 11.69
CA GLU A 253 12.28 -21.80 11.20
C GLU A 253 13.48 -21.54 10.30
N LEU A 254 14.65 -22.04 10.70
CA LEU A 254 15.84 -21.86 9.89
C LEU A 254 15.69 -22.57 8.54
N ARG A 255 15.10 -23.77 8.58
CA ARG A 255 14.89 -24.54 7.35
C ARG A 255 13.95 -23.77 6.43
N ASP A 256 12.89 -23.19 6.99
CA ASP A 256 11.91 -22.41 6.21
C ASP A 256 12.57 -21.23 5.52
N ILE A 257 13.43 -20.54 6.27
CA ILE A 257 14.16 -19.38 5.75
C ILE A 257 14.96 -19.74 4.50
N VAL A 258 15.68 -20.86 4.56
CA VAL A 258 16.49 -21.31 3.43
C VAL A 258 15.63 -21.78 2.26
N ALA A 259 14.57 -22.52 2.56
CA ALA A 259 13.67 -23.05 1.53
C ALA A 259 13.08 -21.94 0.67
N TRP A 260 12.78 -20.80 1.28
CA TRP A 260 12.25 -19.65 0.55
C TRP A 260 13.23 -19.16 -0.51
N ARG A 261 14.52 -19.35 -0.24
CA ARG A 261 15.57 -18.90 -1.14
C ARG A 261 16.02 -19.96 -2.16
N LEU A 262 15.36 -21.12 -2.16
CA LEU A 262 15.69 -22.19 -3.09
C LEU A 262 14.54 -22.41 -4.06
N MET A 263 13.81 -21.34 -4.36
CA MET A 263 12.65 -21.36 -5.25
C MET A 263 12.99 -20.97 -6.67
N GLY A 264 14.27 -20.67 -6.92
CA GLY A 264 14.70 -20.27 -8.25
C GLY A 264 14.82 -21.43 -9.23
N ASN A 265 15.01 -21.08 -10.50
CA ASN A 265 15.15 -22.05 -11.59
C ASN A 265 16.53 -22.75 -11.57
N ASP A 266 17.49 -22.06 -10.97
CA ASP A 266 18.89 -22.47 -10.86
C ASP A 266 19.26 -23.60 -9.89
N VAL A 267 18.38 -23.88 -8.94
CA VAL A 267 18.62 -24.89 -7.90
C VAL A 267 19.10 -26.28 -8.36
N THR A 268 20.10 -26.81 -7.64
CA THR A 268 20.65 -28.13 -7.94
C THR A 268 19.67 -29.20 -7.47
N ASP A 269 19.91 -30.45 -7.87
CA ASP A 269 19.05 -31.55 -7.46
C ASP A 269 19.16 -31.79 -5.96
N GLU A 270 20.36 -31.65 -5.43
CA GLU A 270 20.60 -31.83 -4.00
C GLU A 270 19.83 -30.76 -3.22
N GLN A 271 19.89 -29.52 -3.70
CA GLN A 271 19.20 -28.40 -3.06
C GLN A 271 17.67 -28.55 -3.15
N ALA A 272 17.16 -28.97 -4.31
CA ALA A 272 15.73 -29.17 -4.48
C ALA A 272 15.18 -30.27 -3.55
N LYS A 273 15.96 -31.33 -3.37
CA LYS A 273 15.56 -32.43 -2.50
C LYS A 273 15.54 -31.96 -1.04
N TRP A 274 16.57 -31.21 -0.66
CA TRP A 274 16.67 -30.68 0.70
C TRP A 274 15.50 -29.71 0.94
N ARG A 275 15.26 -28.84 -0.03
CA ARG A 275 14.17 -27.85 0.06
C ARG A 275 12.83 -28.53 0.24
N ASP A 276 12.53 -29.55 -0.57
CA ASP A 276 11.24 -30.22 -0.45
C ASP A 276 11.07 -30.99 0.85
N ASP A 277 12.16 -31.51 1.40
CA ASP A 277 12.10 -32.21 2.67
C ASP A 277 11.78 -31.15 3.75
N ALA A 278 12.44 -29.99 3.65
CA ALA A 278 12.22 -28.90 4.59
C ALA A 278 10.76 -28.44 4.56
N ILE A 279 10.22 -28.26 3.36
CA ILE A 279 8.83 -27.81 3.23
C ILE A 279 7.84 -28.86 3.74
N MET A 280 8.17 -30.14 3.57
CA MET A 280 7.31 -31.23 4.05
C MET A 280 7.18 -31.19 5.57
N ARG A 281 8.23 -30.70 6.23
CA ARG A 281 8.26 -30.59 7.69
C ARG A 281 7.84 -29.21 8.20
N SER A 282 7.45 -28.32 7.28
CA SER A 282 7.06 -26.96 7.63
C SER A 282 5.62 -26.78 8.07
N GLN A 283 5.39 -25.73 8.87
CA GLN A 283 4.08 -25.36 9.36
C GLN A 283 3.68 -24.05 8.68
N SER A 284 4.57 -23.50 7.86
CA SER A 284 4.34 -22.24 7.17
C SER A 284 3.43 -22.33 5.97
N THR A 285 2.24 -21.74 6.09
CA THR A 285 1.28 -21.72 4.99
C THR A 285 1.84 -21.00 3.76
N SER A 286 2.44 -19.83 3.96
CA SER A 286 2.96 -19.07 2.84
C SER A 286 4.08 -19.81 2.09
N LEU A 287 4.91 -20.56 2.82
CA LEU A 287 5.99 -21.33 2.19
C LEU A 287 5.42 -22.47 1.32
N ILE A 288 4.42 -23.17 1.86
CA ILE A 288 3.77 -24.26 1.12
C ILE A 288 3.09 -23.68 -0.13
N GLU A 289 2.45 -22.52 0.01
CA GLU A 289 1.80 -21.88 -1.13
C GLU A 289 2.83 -21.51 -2.21
N ARG A 290 4.00 -21.04 -1.78
CA ARG A 290 5.05 -20.69 -2.74
C ARG A 290 5.49 -21.96 -3.50
N ARG A 291 5.51 -23.09 -2.80
CA ARG A 291 5.89 -24.37 -3.40
C ARG A 291 4.82 -24.83 -4.40
N VAL A 292 3.54 -24.58 -4.06
CA VAL A 292 2.43 -24.91 -4.96
C VAL A 292 2.59 -24.08 -6.23
N ARG A 293 2.96 -22.81 -6.05
CA ARG A 293 3.15 -21.93 -7.21
C ARG A 293 4.30 -22.38 -8.10
N MET A 294 5.32 -22.98 -7.49
CA MET A 294 6.46 -23.51 -8.25
C MET A 294 5.97 -24.65 -9.14
N ALA A 295 5.10 -25.50 -8.60
CA ALA A 295 4.54 -26.61 -9.37
C ALA A 295 3.69 -26.07 -10.52
N LEU A 296 2.86 -25.06 -10.23
CA LEU A 296 2.01 -24.46 -11.27
C LEU A 296 2.85 -23.78 -12.35
N GLY A 297 3.94 -23.15 -11.94
CA GLY A 297 4.79 -22.44 -12.89
C GLY A 297 5.64 -23.33 -13.78
N THR A 298 5.68 -24.63 -13.48
CA THR A 298 6.48 -25.55 -14.28
C THR A 298 5.67 -26.67 -14.94
N GLY A 299 4.35 -26.64 -14.75
CA GLY A 299 3.50 -27.67 -15.35
C GLY A 299 3.62 -29.01 -14.66
N ASP A 300 4.06 -28.99 -13.41
CA ASP A 300 4.25 -30.21 -12.63
C ASP A 300 2.93 -30.69 -12.06
N ARG A 301 2.28 -31.62 -12.77
CA ARG A 301 0.98 -32.15 -12.31
C ARG A 301 1.04 -32.95 -11.01
N ARG A 302 2.00 -33.87 -10.89
CA ARG A 302 2.12 -34.64 -9.65
C ARG A 302 2.46 -33.73 -8.49
N GLY A 303 3.30 -32.74 -8.77
CA GLY A 303 3.71 -31.79 -7.75
C GLY A 303 2.53 -30.94 -7.28
N LEU A 304 1.66 -30.54 -8.20
CA LEU A 304 0.51 -29.75 -7.82
C LEU A 304 -0.37 -30.57 -6.88
N ASN A 305 -0.59 -31.83 -7.23
CA ASN A 305 -1.42 -32.72 -6.40
C ASN A 305 -0.80 -32.87 -5.01
N THR A 306 0.51 -33.14 -4.98
CA THR A 306 1.23 -33.32 -3.72
C THR A 306 1.20 -32.10 -2.81
N TRP A 307 1.59 -30.95 -3.36
CA TRP A 307 1.66 -29.72 -2.60
C TRP A 307 0.33 -29.06 -2.22
N LEU A 308 -0.68 -29.16 -3.08
CA LEU A 308 -2.00 -28.59 -2.75
C LEU A 308 -2.54 -29.31 -1.53
N ALA A 309 -2.27 -30.62 -1.44
CA ALA A 309 -2.73 -31.43 -0.33
C ALA A 309 -2.01 -31.11 0.99
N ARG A 310 -0.81 -30.52 0.90
CA ARG A 310 -0.05 -30.16 2.10
C ARG A 310 -0.53 -28.86 2.75
N LEU A 311 -1.34 -28.11 2.03
CA LEU A 311 -1.88 -26.85 2.57
C LEU A 311 -2.80 -27.14 3.75
N PRO A 312 -2.75 -26.30 4.80
CA PRO A 312 -3.65 -26.57 5.91
C PRO A 312 -5.07 -26.29 5.42
N MET A 313 -6.04 -26.94 6.07
CA MET A 313 -7.45 -26.82 5.72
C MET A 313 -7.89 -25.37 5.48
N GLU A 314 -7.45 -24.47 6.35
CA GLU A 314 -7.80 -23.06 6.24
C GLU A 314 -7.37 -22.42 4.91
N ALA A 315 -6.16 -22.71 4.47
CA ALA A 315 -5.66 -22.16 3.22
C ALA A 315 -6.44 -22.66 2.01
N LYS A 316 -6.95 -23.90 2.09
CA LYS A 316 -7.70 -24.51 1.01
C LYS A 316 -9.03 -23.81 0.70
N GLU A 317 -9.43 -22.91 1.59
CA GLU A 317 -10.67 -22.14 1.44
C GLU A 317 -10.49 -21.03 0.39
N LYS A 318 -9.24 -20.65 0.12
CA LYS A 318 -8.97 -19.56 -0.82
C LYS A 318 -9.42 -19.87 -2.25
N ASP A 319 -9.92 -18.84 -2.94
CA ASP A 319 -10.39 -18.95 -4.32
C ASP A 319 -9.42 -19.72 -5.21
N GLU A 320 -8.17 -19.29 -5.21
CA GLU A 320 -7.15 -19.93 -6.04
C GLU A 320 -6.99 -21.43 -5.82
N TRP A 321 -6.98 -21.84 -4.55
CA TRP A 321 -6.78 -23.25 -4.25
C TRP A 321 -8.02 -24.10 -4.53
N ARG A 322 -9.19 -23.48 -4.44
CA ARG A 322 -10.42 -24.19 -4.79
C ARG A 322 -10.41 -24.42 -6.32
N TYR A 323 -10.00 -23.39 -7.09
CA TYR A 323 -9.95 -23.55 -8.53
C TYR A 323 -8.95 -24.63 -8.92
N TRP A 324 -7.76 -24.61 -8.32
CA TRP A 324 -6.75 -25.61 -8.70
C TRP A 324 -7.11 -27.02 -8.24
N GLN A 325 -7.96 -27.11 -7.21
CA GLN A 325 -8.44 -28.43 -6.76
C GLN A 325 -9.39 -28.93 -7.85
N ALA A 326 -10.23 -28.03 -8.36
CA ALA A 326 -11.16 -28.35 -9.43
C ALA A 326 -10.37 -28.77 -10.68
N ASP A 327 -9.29 -28.05 -10.97
CA ASP A 327 -8.45 -28.37 -12.13
C ASP A 327 -7.90 -29.80 -12.05
N LEU A 328 -7.43 -30.19 -10.86
CA LEU A 328 -6.90 -31.54 -10.65
C LEU A 328 -8.01 -32.59 -10.81
N LEU A 329 -9.17 -32.31 -10.23
CA LEU A 329 -10.33 -33.22 -10.29
C LEU A 329 -10.82 -33.41 -11.72
N LEU A 330 -10.80 -32.35 -12.52
CA LEU A 330 -11.20 -32.46 -13.92
C LEU A 330 -10.27 -33.42 -14.66
N GLU A 331 -8.95 -33.28 -14.46
CA GLU A 331 -8.00 -34.17 -15.15
C GLU A 331 -8.18 -35.62 -14.70
N ARG A 332 -8.55 -35.82 -13.44
CA ARG A 332 -8.79 -37.13 -12.88
C ARG A 332 -10.12 -37.73 -13.33
N GLY A 333 -10.93 -36.95 -14.06
CA GLY A 333 -12.21 -37.46 -14.54
C GLY A 333 -13.35 -37.36 -13.55
N ARG A 334 -13.19 -36.55 -12.51
CA ARG A 334 -14.22 -36.37 -11.49
C ARG A 334 -14.97 -35.09 -11.86
N GLU A 335 -15.73 -35.19 -12.93
CA GLU A 335 -16.48 -34.07 -13.50
C GLU A 335 -17.45 -33.38 -12.55
N ALA A 336 -18.34 -34.15 -11.94
CA ALA A 336 -19.33 -33.57 -11.02
C ALA A 336 -18.72 -32.80 -9.85
N GLU A 337 -17.75 -33.42 -9.18
CA GLU A 337 -17.09 -32.80 -8.03
C GLU A 337 -16.38 -31.51 -8.44
N ALA A 338 -15.67 -31.56 -9.56
CA ALA A 338 -14.95 -30.38 -10.05
C ALA A 338 -15.89 -29.25 -10.45
N LYS A 339 -16.94 -29.58 -11.20
CA LYS A 339 -17.87 -28.56 -11.67
C LYS A 339 -18.73 -27.94 -10.59
N GLU A 340 -18.90 -28.66 -9.48
CA GLU A 340 -19.67 -28.10 -8.36
C GLU A 340 -18.79 -27.01 -7.73
N ILE A 341 -17.48 -27.26 -7.65
CA ILE A 341 -16.56 -26.27 -7.09
C ILE A 341 -16.57 -25.03 -7.98
N LEU A 342 -16.47 -25.24 -9.29
CA LEU A 342 -16.47 -24.15 -10.27
C LEU A 342 -17.78 -23.37 -10.19
N HIS A 343 -18.90 -24.07 -10.07
CA HIS A 343 -20.19 -23.39 -9.98
C HIS A 343 -20.30 -22.57 -8.69
N GLN A 344 -19.73 -23.08 -7.61
CA GLN A 344 -19.75 -22.34 -6.34
C GLN A 344 -18.90 -21.08 -6.49
N LEU A 345 -17.77 -21.20 -7.18
CA LEU A 345 -16.88 -20.06 -7.39
C LEU A 345 -17.55 -18.97 -8.22
N MET A 346 -18.30 -19.38 -9.24
CA MET A 346 -19.01 -18.45 -10.11
C MET A 346 -20.01 -17.56 -9.38
N GLN A 347 -20.48 -18.01 -8.22
CA GLN A 347 -21.45 -17.25 -7.43
C GLN A 347 -20.78 -16.07 -6.74
N GLN A 348 -19.45 -16.10 -6.67
CA GLN A 348 -18.66 -15.07 -6.02
C GLN A 348 -18.17 -13.99 -6.97
N ARG A 349 -17.49 -12.99 -6.43
CA ARG A 349 -16.99 -11.87 -7.20
C ARG A 349 -15.48 -11.95 -7.40
N GLY A 350 -15.01 -11.57 -8.58
CA GLY A 350 -13.57 -11.55 -8.80
C GLY A 350 -12.94 -12.39 -9.87
N PHE A 351 -11.61 -12.36 -9.88
CA PHE A 351 -10.79 -13.07 -10.85
C PHE A 351 -11.11 -14.55 -11.00
N TYR A 352 -10.95 -15.33 -9.93
CA TYR A 352 -11.22 -16.78 -10.03
C TYR A 352 -12.66 -17.12 -10.39
N PRO A 353 -13.65 -16.41 -9.80
CA PRO A 353 -15.03 -16.73 -10.18
C PRO A 353 -15.18 -16.55 -11.71
N MET A 354 -14.50 -15.55 -12.28
CA MET A 354 -14.56 -15.32 -13.73
C MET A 354 -13.79 -16.40 -14.52
N VAL A 355 -12.68 -16.85 -13.95
CA VAL A 355 -11.89 -17.91 -14.57
C VAL A 355 -12.78 -19.17 -14.62
N ALA A 356 -13.46 -19.43 -13.50
CA ALA A 356 -14.33 -20.59 -13.38
C ALA A 356 -15.39 -20.62 -14.46
N ALA A 357 -16.04 -19.48 -14.69
CA ALA A 357 -17.06 -19.36 -15.73
C ALA A 357 -16.48 -19.66 -17.11
N GLN A 358 -15.33 -19.05 -17.44
CA GLN A 358 -14.70 -19.29 -18.73
C GLN A 358 -14.26 -20.76 -18.88
N ARG A 359 -13.78 -21.36 -17.80
CA ARG A 359 -13.33 -22.76 -17.84
C ARG A 359 -14.46 -23.71 -18.24
N ILE A 360 -15.66 -23.52 -17.68
CA ILE A 360 -16.77 -24.41 -18.05
C ILE A 360 -17.67 -23.90 -19.18
N GLY A 361 -17.26 -22.83 -19.84
CA GLY A 361 -18.01 -22.29 -20.95
C GLY A 361 -19.35 -21.64 -20.64
N GLU A 362 -19.47 -21.09 -19.44
CA GLU A 362 -20.70 -20.43 -19.04
C GLU A 362 -20.47 -18.92 -18.88
N GLU A 363 -21.50 -18.13 -19.11
CA GLU A 363 -21.37 -16.69 -18.99
C GLU A 363 -21.33 -16.31 -17.51
N TYR A 364 -20.37 -15.46 -17.14
CA TYR A 364 -20.25 -15.02 -15.76
C TYR A 364 -21.34 -13.99 -15.45
N GLU A 365 -21.99 -14.15 -14.29
CA GLU A 365 -23.05 -13.23 -13.88
C GLU A 365 -22.53 -12.19 -12.90
N LEU A 366 -22.55 -10.93 -13.32
CA LEU A 366 -22.10 -9.85 -12.46
C LEU A 366 -23.20 -9.50 -11.47
N LYS A 367 -22.86 -9.49 -10.20
CA LYS A 367 -23.82 -9.10 -9.18
C LYS A 367 -23.63 -7.59 -9.03
N ILE A 368 -24.67 -6.82 -9.34
CA ILE A 368 -24.60 -5.37 -9.22
C ILE A 368 -25.66 -4.82 -8.27
N ASP A 369 -25.26 -4.47 -7.06
CA ASP A 369 -26.16 -3.88 -6.06
C ASP A 369 -26.27 -2.40 -6.41
N LYS A 370 -27.49 -1.86 -6.35
CA LYS A 370 -27.70 -0.45 -6.67
C LYS A 370 -27.74 0.42 -5.43
N ALA A 371 -27.31 1.66 -5.58
CA ALA A 371 -27.36 2.62 -4.48
C ALA A 371 -28.83 3.06 -4.38
N PRO A 372 -29.23 3.69 -3.26
CA PRO A 372 -30.61 4.14 -3.10
C PRO A 372 -31.06 5.08 -4.23
N GLN A 373 -32.36 5.09 -4.51
CA GLN A 373 -32.91 5.96 -5.55
C GLN A 373 -32.74 7.42 -5.16
N ASN A 374 -32.89 7.71 -3.87
CA ASN A 374 -32.73 9.05 -3.32
C ASN A 374 -31.36 9.16 -2.67
N VAL A 375 -30.49 10.00 -3.23
CA VAL A 375 -29.13 10.18 -2.69
C VAL A 375 -29.00 11.44 -1.84
N ASP A 376 -30.04 12.26 -1.83
CA ASP A 376 -30.03 13.50 -1.06
C ASP A 376 -30.34 13.25 0.42
N SER A 377 -29.37 13.61 1.25
CA SER A 377 -29.49 13.47 2.69
C SER A 377 -28.92 14.73 3.30
N ALA A 378 -28.95 14.83 4.61
CA ALA A 378 -28.41 15.99 5.30
C ALA A 378 -26.91 16.06 4.99
N LEU A 379 -26.31 14.88 4.80
CA LEU A 379 -24.89 14.79 4.51
C LEU A 379 -24.49 15.43 3.19
N THR A 380 -25.43 15.50 2.24
CA THR A 380 -25.13 16.10 0.94
C THR A 380 -25.51 17.60 0.88
N GLN A 381 -26.16 18.10 1.93
CA GLN A 381 -26.60 19.51 1.96
C GLN A 381 -25.88 20.39 2.98
N GLY A 382 -24.85 19.85 3.62
CA GLY A 382 -24.13 20.61 4.63
C GLY A 382 -22.89 21.35 4.19
N PRO A 383 -22.25 22.06 5.11
CA PRO A 383 -21.03 22.82 4.80
C PRO A 383 -19.84 21.96 4.36
N GLU A 384 -19.69 20.74 4.90
CA GLU A 384 -18.55 19.93 4.46
C GLU A 384 -18.72 19.55 2.99
N MET A 385 -19.94 19.20 2.57
CA MET A 385 -20.16 18.88 1.17
C MET A 385 -19.90 20.11 0.29
N ALA A 386 -20.28 21.30 0.78
CA ALA A 386 -20.04 22.52 0.01
C ALA A 386 -18.52 22.72 -0.19
N ARG A 387 -17.71 22.37 0.80
CA ARG A 387 -16.25 22.50 0.64
C ARG A 387 -15.77 21.48 -0.39
N VAL A 388 -16.30 20.26 -0.32
CA VAL A 388 -15.91 19.22 -1.28
C VAL A 388 -16.21 19.68 -2.70
N ARG A 389 -17.39 20.25 -2.90
CA ARG A 389 -17.78 20.75 -4.21
C ARG A 389 -16.78 21.79 -4.75
N GLU A 390 -16.39 22.75 -3.90
CA GLU A 390 -15.44 23.76 -4.33
C GLU A 390 -14.09 23.15 -4.64
N LEU A 391 -13.62 22.26 -3.77
CA LEU A 391 -12.32 21.62 -3.98
C LEU A 391 -12.27 20.85 -5.29
N MET A 392 -13.37 20.16 -5.62
CA MET A 392 -13.42 19.41 -6.88
C MET A 392 -13.49 20.37 -8.06
N TYR A 393 -14.18 21.51 -7.88
CA TYR A 393 -14.28 22.51 -8.93
C TYR A 393 -12.89 23.03 -9.31
N TRP A 394 -12.01 23.17 -8.31
CA TRP A 394 -10.64 23.64 -8.55
C TRP A 394 -9.65 22.52 -8.86
N ASN A 395 -10.15 21.29 -9.01
CA ASN A 395 -9.30 20.13 -9.30
C ASN A 395 -8.26 19.87 -8.20
N LEU A 396 -8.65 20.14 -6.96
CA LEU A 396 -7.78 19.93 -5.80
C LEU A 396 -8.20 18.58 -5.22
N ASP A 397 -8.00 17.53 -6.02
CA ASP A 397 -8.40 16.19 -5.62
C ASP A 397 -7.82 15.64 -4.33
N ASN A 398 -6.55 15.93 -4.04
CA ASN A 398 -5.96 15.40 -2.81
C ASN A 398 -6.58 16.06 -1.58
N THR A 399 -6.86 17.36 -1.69
CA THR A 399 -7.46 18.14 -0.60
C THR A 399 -8.91 17.68 -0.41
N ALA A 400 -9.60 17.44 -1.52
CA ALA A 400 -10.98 16.96 -1.48
C ALA A 400 -11.04 15.56 -0.85
N ARG A 401 -10.05 14.71 -1.17
CA ARG A 401 -10.02 13.34 -0.62
C ARG A 401 -10.05 13.36 0.93
N SER A 402 -9.31 14.28 1.54
CA SER A 402 -9.27 14.40 2.99
C SER A 402 -10.62 14.81 3.55
N GLU A 403 -11.29 15.76 2.89
CA GLU A 403 -12.61 16.19 3.32
C GLU A 403 -13.61 15.05 3.16
N TRP A 404 -13.56 14.37 2.01
CA TRP A 404 -14.47 13.27 1.72
C TRP A 404 -14.30 12.16 2.74
N ALA A 405 -13.05 11.92 3.14
CA ALA A 405 -12.73 10.88 4.11
C ALA A 405 -13.50 11.10 5.41
N ASN A 406 -13.57 12.36 5.85
CA ASN A 406 -14.31 12.70 7.08
C ASN A 406 -15.80 12.52 6.89
N LEU A 407 -16.30 12.90 5.72
CA LEU A 407 -17.71 12.80 5.42
C LEU A 407 -18.23 11.34 5.37
N VAL A 408 -17.45 10.42 4.81
CA VAL A 408 -17.89 9.02 4.70
C VAL A 408 -17.58 8.17 5.94
N LYS A 409 -16.68 8.65 6.78
CA LYS A 409 -16.28 7.92 7.97
C LYS A 409 -17.37 7.79 9.04
N SER A 410 -17.51 6.59 9.58
CA SER A 410 -18.50 6.31 10.64
C SER A 410 -19.96 6.48 10.23
N LYS A 411 -20.24 6.42 8.94
CA LYS A 411 -21.61 6.55 8.45
C LYS A 411 -22.16 5.17 8.20
N SER A 412 -23.47 5.06 8.05
CA SER A 412 -24.09 3.77 7.80
C SER A 412 -23.77 3.33 6.37
N LYS A 413 -23.96 2.04 6.08
CA LYS A 413 -23.69 1.55 4.74
C LYS A 413 -24.59 2.24 3.73
N THR A 414 -25.83 2.52 4.14
CA THR A 414 -26.80 3.20 3.28
C THR A 414 -26.32 4.61 2.97
N GLU A 415 -25.87 5.32 4.00
CA GLU A 415 -25.36 6.68 3.82
C GLU A 415 -24.10 6.66 2.95
N GLN A 416 -23.21 5.69 3.17
CA GLN A 416 -21.99 5.61 2.37
C GLN A 416 -22.30 5.32 0.89
N ALA A 417 -23.35 4.53 0.64
CA ALA A 417 -23.77 4.22 -0.73
C ALA A 417 -24.40 5.46 -1.38
N GLN A 418 -25.16 6.23 -0.61
CA GLN A 418 -25.76 7.46 -1.12
C GLN A 418 -24.64 8.43 -1.49
N LEU A 419 -23.65 8.56 -0.60
CA LEU A 419 -22.52 9.45 -0.86
C LEU A 419 -21.74 8.99 -2.11
N ALA A 420 -21.54 7.69 -2.23
CA ALA A 420 -20.84 7.14 -3.40
C ALA A 420 -21.60 7.52 -4.68
N ARG A 421 -22.93 7.36 -4.66
CA ARG A 421 -23.76 7.67 -5.83
C ARG A 421 -23.82 9.17 -6.11
N TYR A 422 -23.82 9.97 -5.04
CA TYR A 422 -23.85 11.43 -5.19
C TYR A 422 -22.56 11.87 -5.90
N ALA A 423 -21.42 11.31 -5.49
CA ALA A 423 -20.14 11.62 -6.12
C ALA A 423 -20.16 11.15 -7.57
N PHE A 424 -20.63 9.92 -7.80
CA PHE A 424 -20.76 9.34 -9.15
C PHE A 424 -21.61 10.25 -10.04
N ASN A 425 -22.75 10.73 -9.52
CA ASN A 425 -23.64 11.60 -10.29
C ASN A 425 -23.00 12.94 -10.67
N ASN A 426 -22.05 13.38 -9.86
CA ASN A 426 -21.34 14.63 -10.11
C ASN A 426 -20.03 14.44 -10.85
N GLN A 427 -19.78 13.22 -11.31
CA GLN A 427 -18.55 12.87 -12.01
C GLN A 427 -17.28 13.08 -11.19
N TRP A 428 -17.42 12.91 -9.87
CA TRP A 428 -16.27 12.99 -8.94
C TRP A 428 -15.90 11.50 -8.82
N TRP A 429 -15.27 11.00 -9.89
CA TRP A 429 -14.92 9.57 -9.99
C TRP A 429 -14.09 9.02 -8.85
N ASP A 430 -13.04 9.76 -8.48
CA ASP A 430 -12.22 9.32 -7.35
C ASP A 430 -13.00 9.24 -6.03
N LEU A 431 -13.87 10.22 -5.78
CA LEU A 431 -14.67 10.21 -4.56
C LEU A 431 -15.67 9.06 -4.55
N SER A 432 -16.20 8.73 -5.72
CA SER A 432 -17.14 7.62 -5.85
C SER A 432 -16.42 6.33 -5.42
N VAL A 433 -15.23 6.09 -5.96
CA VAL A 433 -14.47 4.88 -5.60
C VAL A 433 -14.11 4.89 -4.10
N GLN A 434 -13.70 6.06 -3.61
CA GLN A 434 -13.31 6.20 -2.21
C GLN A 434 -14.45 5.83 -1.25
N ALA A 435 -15.68 6.24 -1.59
CA ALA A 435 -16.84 5.94 -0.77
C ALA A 435 -17.15 4.44 -0.81
N THR A 436 -16.98 3.79 -1.97
CA THR A 436 -17.27 2.36 -2.01
C THR A 436 -16.27 1.59 -1.12
N ILE A 437 -15.04 2.10 -1.03
CA ILE A 437 -14.03 1.44 -0.21
C ILE A 437 -14.36 1.65 1.27
N ALA A 438 -14.72 2.88 1.64
CA ALA A 438 -15.08 3.17 3.03
C ALA A 438 -16.26 2.33 3.52
N GLY A 439 -17.25 2.12 2.66
CA GLY A 439 -18.42 1.35 3.07
C GLY A 439 -18.34 -0.13 2.75
N LYS A 440 -17.21 -0.56 2.15
CA LYS A 440 -17.00 -1.95 1.75
C LYS A 440 -18.15 -2.41 0.87
N LEU A 441 -18.57 -1.54 -0.04
CA LEU A 441 -19.69 -1.77 -0.97
C LEU A 441 -19.13 -2.48 -2.19
N TRP A 442 -18.59 -3.67 -1.96
CA TRP A 442 -17.92 -4.42 -3.01
C TRP A 442 -18.77 -4.84 -4.19
N ASP A 443 -20.08 -4.97 -3.99
CA ASP A 443 -20.97 -5.36 -5.07
C ASP A 443 -21.64 -4.17 -5.78
N HIS A 444 -21.35 -2.94 -5.33
CA HIS A 444 -21.89 -1.74 -6.01
C HIS A 444 -20.93 -1.43 -7.16
N LEU A 445 -20.91 -2.33 -8.13
CA LEU A 445 -19.96 -2.21 -9.24
C LEU A 445 -19.96 -0.94 -10.07
N GLU A 446 -21.13 -0.34 -10.30
CA GLU A 446 -21.19 0.87 -11.12
C GLU A 446 -20.39 2.02 -10.50
N GLU A 447 -20.52 2.17 -9.19
CA GLU A 447 -19.82 3.24 -8.46
C GLU A 447 -18.34 2.91 -8.25
N ARG A 448 -18.02 1.62 -8.19
CA ARG A 448 -16.63 1.19 -8.04
C ARG A 448 -15.84 1.31 -9.35
N PHE A 449 -16.54 1.22 -10.48
CA PHE A 449 -15.86 1.24 -11.77
C PHE A 449 -16.51 2.23 -12.72
N PRO A 450 -16.43 3.53 -12.38
CA PRO A 450 -17.03 4.56 -13.22
C PRO A 450 -16.29 4.75 -14.54
N LEU A 451 -17.02 5.19 -15.57
CA LEU A 451 -16.45 5.43 -16.90
C LEU A 451 -15.75 6.79 -16.90
N ALA A 452 -14.69 6.88 -16.12
CA ALA A 452 -13.92 8.10 -15.96
C ALA A 452 -13.08 8.52 -17.17
N TYR A 453 -13.12 9.82 -17.49
CA TYR A 453 -12.36 10.39 -18.60
C TYR A 453 -12.63 9.60 -19.88
N ASN A 454 -13.89 9.19 -20.06
CA ASN A 454 -14.26 8.37 -21.21
C ASN A 454 -13.80 8.89 -22.57
N ASP A 455 -14.09 10.15 -22.85
CA ASP A 455 -13.69 10.77 -24.12
C ASP A 455 -12.19 10.77 -24.33
N LEU A 456 -11.43 11.05 -23.28
CA LEU A 456 -9.97 11.05 -23.41
C LEU A 456 -9.44 9.65 -23.68
N PHE A 457 -9.92 8.65 -22.95
CA PHE A 457 -9.46 7.28 -23.18
C PHE A 457 -9.83 6.80 -24.59
N LYS A 458 -11.00 7.20 -25.08
CA LYS A 458 -11.43 6.82 -26.42
C LYS A 458 -10.46 7.43 -27.43
N ARG A 459 -10.24 8.74 -27.30
CA ARG A 459 -9.35 9.46 -28.20
C ARG A 459 -7.93 8.90 -28.23
N TYR A 460 -7.39 8.58 -27.05
CA TYR A 460 -6.03 8.08 -26.96
C TYR A 460 -5.81 6.59 -27.18
N THR A 461 -6.88 5.86 -27.40
CA THR A 461 -6.74 4.44 -27.73
C THR A 461 -7.26 4.15 -29.14
N SER A 462 -7.92 5.11 -29.79
CA SER A 462 -8.44 4.91 -31.15
C SER A 462 -7.38 4.50 -32.18
N GLY A 463 -6.17 5.05 -32.04
CA GLY A 463 -5.10 4.74 -32.96
C GLY A 463 -4.14 3.69 -32.41
N LYS A 464 -4.55 2.99 -31.35
CA LYS A 464 -3.70 1.98 -30.75
C LYS A 464 -4.41 0.64 -30.72
N GLU A 465 -3.68 -0.44 -30.43
CA GLU A 465 -4.29 -1.76 -30.35
C GLU A 465 -4.86 -2.08 -28.97
N ILE A 466 -4.32 -1.46 -27.93
CA ILE A 466 -4.85 -1.68 -26.58
C ILE A 466 -6.31 -1.23 -26.54
N PRO A 467 -7.20 -2.07 -26.00
CA PRO A 467 -8.62 -1.70 -25.93
C PRO A 467 -8.83 -0.53 -24.96
N GLN A 468 -9.83 0.30 -25.24
CA GLN A 468 -10.14 1.43 -24.34
C GLN A 468 -10.42 0.91 -22.91
N SER A 469 -11.21 -0.16 -22.81
CA SER A 469 -11.56 -0.76 -21.53
C SER A 469 -10.31 -1.18 -20.75
N TYR A 470 -9.32 -1.69 -21.46
CA TYR A 470 -8.09 -2.14 -20.86
C TYR A 470 -7.28 -0.98 -20.28
N ALA A 471 -7.14 0.12 -21.04
CA ALA A 471 -6.43 1.30 -20.54
C ALA A 471 -7.13 1.84 -19.29
N MET A 472 -8.46 1.81 -19.31
CA MET A 472 -9.24 2.25 -18.16
C MET A 472 -9.04 1.36 -16.94
N ALA A 473 -8.95 0.04 -17.16
CA ALA A 473 -8.72 -0.91 -16.07
C ALA A 473 -7.38 -0.62 -15.41
N ILE A 474 -6.36 -0.38 -16.22
CA ILE A 474 -5.01 -0.08 -15.71
C ILE A 474 -5.05 1.19 -14.85
N ALA A 475 -5.69 2.24 -15.37
CA ALA A 475 -5.80 3.50 -14.62
C ALA A 475 -6.56 3.32 -13.30
N ARG A 476 -7.65 2.55 -13.35
CA ARG A 476 -8.47 2.30 -12.16
C ARG A 476 -7.61 1.61 -11.08
N GLN A 477 -6.81 0.63 -11.49
CA GLN A 477 -5.95 -0.09 -10.57
C GLN A 477 -4.86 0.82 -10.02
N GLU A 478 -4.27 1.62 -10.91
CA GLU A 478 -3.15 2.49 -10.51
C GLU A 478 -3.49 3.64 -9.57
N SER A 479 -4.54 4.39 -9.91
CA SER A 479 -4.87 5.60 -9.14
C SER A 479 -6.23 5.68 -8.48
N ALA A 480 -7.10 4.69 -8.73
CA ALA A 480 -8.46 4.72 -8.20
C ALA A 480 -9.12 6.04 -8.66
N TRP A 481 -8.73 6.45 -9.86
CA TRP A 481 -9.22 7.66 -10.53
C TRP A 481 -8.84 9.02 -9.96
N ASN A 482 -7.86 9.09 -9.05
CA ASN A 482 -7.44 10.41 -8.55
C ASN A 482 -6.28 10.85 -9.47
N PRO A 483 -6.49 11.88 -10.30
CA PRO A 483 -5.45 12.37 -11.22
C PRO A 483 -4.26 13.07 -10.57
N LYS A 484 -4.39 13.42 -9.30
CA LYS A 484 -3.35 14.15 -8.58
C LYS A 484 -2.52 13.32 -7.61
N VAL A 485 -2.78 12.02 -7.54
CA VAL A 485 -2.04 11.20 -6.57
C VAL A 485 -0.62 10.87 -7.03
N LYS A 486 0.33 10.94 -6.09
CA LYS A 486 1.73 10.61 -6.36
C LYS A 486 2.17 9.63 -5.30
N SER A 487 2.86 8.56 -5.71
CA SER A 487 3.33 7.57 -4.75
C SER A 487 4.62 8.07 -4.09
N PRO A 488 5.04 7.42 -2.99
CA PRO A 488 6.26 7.83 -2.28
C PRO A 488 7.52 7.80 -3.16
N VAL A 489 7.53 6.98 -4.21
CA VAL A 489 8.68 6.93 -5.11
C VAL A 489 8.55 7.87 -6.31
N GLY A 490 7.44 8.61 -6.37
CA GLY A 490 7.24 9.56 -7.45
C GLY A 490 6.34 9.19 -8.61
N ALA A 491 5.67 8.03 -8.55
CA ALA A 491 4.76 7.61 -9.66
C ALA A 491 3.62 8.61 -9.63
N SER A 492 3.23 9.10 -10.80
CA SER A 492 2.27 10.18 -10.85
C SER A 492 0.99 10.02 -11.66
N GLY A 493 -0.08 10.58 -11.10
CA GLY A 493 -1.35 10.62 -11.80
C GLY A 493 -2.16 9.38 -12.06
N LEU A 494 -3.06 9.50 -13.03
CA LEU A 494 -4.03 8.46 -13.36
C LEU A 494 -3.45 7.10 -13.64
N MET A 495 -2.34 7.07 -14.36
CA MET A 495 -1.72 5.80 -14.70
C MET A 495 -0.40 5.55 -13.96
N GLN A 496 -0.18 6.35 -12.91
CA GLN A 496 0.98 6.23 -12.03
C GLN A 496 2.28 6.06 -12.80
N ILE A 497 2.54 7.05 -13.64
CA ILE A 497 3.71 7.08 -14.49
C ILE A 497 4.92 7.64 -13.77
N MET A 498 6.03 6.89 -13.82
CA MET A 498 7.29 7.31 -13.20
C MET A 498 7.95 8.33 -14.15
N PRO A 499 8.64 9.34 -13.61
CA PRO A 499 9.30 10.37 -14.43
C PRO A 499 10.22 9.76 -15.48
N GLY A 500 10.98 8.73 -15.11
CA GLY A 500 11.89 8.08 -16.05
C GLY A 500 11.14 7.44 -17.20
N THR A 501 10.05 6.76 -16.87
CA THR A 501 9.21 6.10 -17.87
C THR A 501 8.61 7.14 -18.82
N ALA A 502 8.15 8.26 -18.28
CA ALA A 502 7.57 9.33 -19.10
C ALA A 502 8.59 9.84 -20.11
N THR A 503 9.79 10.16 -19.63
CA THR A 503 10.87 10.66 -20.47
C THR A 503 11.22 9.65 -21.57
N HIS A 504 11.35 8.38 -21.19
CA HIS A 504 11.68 7.33 -22.14
C HIS A 504 10.58 7.11 -23.18
N THR A 505 9.32 7.19 -22.75
CA THR A 505 8.17 7.00 -23.63
C THR A 505 8.05 8.14 -24.63
N VAL A 506 8.20 9.37 -24.15
CA VAL A 506 8.12 10.55 -24.99
C VAL A 506 9.20 10.49 -26.08
N LYS A 507 10.38 9.96 -25.75
CA LYS A 507 11.44 9.84 -26.76
C LYS A 507 11.14 8.73 -27.76
N MET A 508 10.73 7.57 -27.26
CA MET A 508 10.42 6.42 -28.11
C MET A 508 9.28 6.66 -29.12
N PHE A 509 8.25 7.39 -28.68
CA PHE A 509 7.07 7.66 -29.50
C PHE A 509 7.10 9.05 -30.17
N SER A 510 8.14 9.84 -29.90
CA SER A 510 8.27 11.19 -30.46
C SER A 510 7.02 12.02 -30.13
N ILE A 511 6.67 12.01 -28.84
CA ILE A 511 5.52 12.75 -28.33
C ILE A 511 5.97 14.18 -28.04
N PRO A 512 5.25 15.17 -28.57
CA PRO A 512 5.59 16.57 -28.36
C PRO A 512 5.00 17.18 -27.07
N GLY A 513 5.60 18.29 -26.64
CA GLY A 513 5.10 19.04 -25.50
C GLY A 513 5.37 18.66 -24.07
N TYR A 514 6.19 17.65 -23.82
CA TYR A 514 6.50 17.22 -22.47
C TYR A 514 7.86 17.73 -21.98
N SER A 515 7.86 18.50 -20.89
CA SER A 515 9.10 19.03 -20.34
C SER A 515 9.30 18.86 -18.83
N SER A 516 8.25 18.47 -18.10
CA SER A 516 8.37 18.32 -16.65
C SER A 516 7.41 17.28 -16.06
N PRO A 517 7.87 16.51 -15.05
CA PRO A 517 7.03 15.48 -14.41
C PRO A 517 5.76 16.05 -13.80
N GLY A 518 5.75 17.36 -13.51
CA GLY A 518 4.56 17.98 -12.95
C GLY A 518 3.38 17.92 -13.92
N GLN A 519 3.66 17.79 -15.21
CA GLN A 519 2.62 17.71 -16.23
C GLN A 519 1.86 16.38 -16.14
N LEU A 520 2.45 15.41 -15.45
CA LEU A 520 1.83 14.09 -15.28
C LEU A 520 0.55 14.18 -14.43
N LEU A 521 0.37 15.30 -13.73
CA LEU A 521 -0.83 15.49 -12.92
C LEU A 521 -2.03 15.98 -13.75
N ASP A 522 -1.79 16.30 -15.02
CA ASP A 522 -2.85 16.72 -15.92
C ASP A 522 -3.44 15.44 -16.54
N PRO A 523 -4.76 15.22 -16.40
CA PRO A 523 -5.37 14.01 -16.97
C PRO A 523 -5.02 13.66 -18.43
N GLU A 524 -5.21 14.59 -19.35
CA GLU A 524 -4.91 14.33 -20.75
C GLU A 524 -3.43 13.97 -21.00
N THR A 525 -2.51 14.71 -20.39
CA THR A 525 -1.09 14.45 -20.55
C THR A 525 -0.78 13.03 -20.04
N ASN A 526 -1.32 12.71 -18.87
CA ASN A 526 -1.10 11.41 -18.24
C ASN A 526 -1.64 10.27 -19.13
N ILE A 527 -2.87 10.44 -19.61
CA ILE A 527 -3.48 9.43 -20.48
C ILE A 527 -2.70 9.28 -21.80
N ASN A 528 -2.22 10.39 -22.33
CA ASN A 528 -1.42 10.38 -23.57
C ASN A 528 -0.15 9.52 -23.38
N ILE A 529 0.66 9.88 -22.38
CA ILE A 529 1.91 9.17 -22.14
C ILE A 529 1.72 7.75 -21.61
N GLY A 530 0.70 7.58 -20.78
CA GLY A 530 0.43 6.27 -20.21
C GLY A 530 -0.10 5.28 -21.23
N THR A 531 -1.05 5.70 -22.07
CA THR A 531 -1.57 4.80 -23.11
C THR A 531 -0.45 4.45 -24.10
N SER A 532 0.46 5.38 -24.32
CA SER A 532 1.60 5.14 -25.21
C SER A 532 2.52 4.03 -24.63
N TYR A 533 2.87 4.13 -23.35
CA TYR A 533 3.73 3.09 -22.77
C TYR A 533 2.99 1.75 -22.70
N LEU A 534 1.71 1.80 -22.35
CA LEU A 534 0.90 0.57 -22.26
C LEU A 534 0.83 -0.11 -23.63
N GLN A 535 0.64 0.70 -24.68
CA GLN A 535 0.60 0.16 -26.05
C GLN A 535 1.96 -0.44 -26.41
N TYR A 536 3.05 0.18 -25.96
CA TYR A 536 4.39 -0.32 -26.22
C TYR A 536 4.57 -1.74 -25.64
N VAL A 537 4.28 -1.92 -24.35
CA VAL A 537 4.45 -3.26 -23.76
C VAL A 537 3.41 -4.25 -24.32
N TYR A 538 2.24 -3.75 -24.70
CA TYR A 538 1.20 -4.60 -25.27
C TYR A 538 1.68 -5.24 -26.60
N GLN A 539 2.15 -4.41 -27.54
CA GLN A 539 2.61 -4.92 -28.83
C GLN A 539 3.89 -5.75 -28.66
N GLN A 540 4.74 -5.36 -27.72
CA GLN A 540 5.99 -6.06 -27.48
C GLN A 540 5.76 -7.52 -27.08
N PHE A 541 4.70 -7.76 -26.32
CA PHE A 541 4.37 -9.11 -25.88
C PHE A 541 3.22 -9.78 -26.63
N GLY A 542 3.00 -9.40 -27.88
CA GLY A 542 1.98 -10.04 -28.68
C GLY A 542 0.51 -9.78 -28.38
N ASN A 543 0.22 -8.57 -27.93
CA ASN A 543 -1.16 -8.16 -27.65
C ASN A 543 -1.84 -9.06 -26.62
N ASN A 544 -1.08 -9.40 -25.58
CA ASN A 544 -1.58 -10.25 -24.50
C ASN A 544 -1.63 -9.42 -23.21
N ARG A 545 -2.82 -9.26 -22.64
CA ARG A 545 -3.02 -8.44 -21.46
C ARG A 545 -2.36 -8.96 -20.19
N ILE A 546 -2.11 -10.27 -20.13
CA ILE A 546 -1.44 -10.80 -18.93
C ILE A 546 -0.01 -10.26 -18.95
N PHE A 547 0.65 -10.39 -20.10
CA PHE A 547 2.03 -9.92 -20.25
C PHE A 547 2.15 -8.40 -20.15
N SER A 548 1.27 -7.66 -20.80
CA SER A 548 1.37 -6.20 -20.76
C SER A 548 1.09 -5.64 -19.36
N SER A 549 0.16 -6.27 -18.63
CA SER A 549 -0.16 -5.81 -17.30
C SER A 549 1.04 -6.10 -16.39
N ALA A 550 1.59 -7.31 -16.49
CA ALA A 550 2.75 -7.67 -15.69
C ALA A 550 3.94 -6.77 -16.02
N ALA A 551 4.14 -6.47 -17.30
CA ALA A 551 5.24 -5.62 -17.74
C ALA A 551 5.05 -4.16 -17.27
N TYR A 552 3.81 -3.68 -17.24
CA TYR A 552 3.55 -2.31 -16.81
C TYR A 552 3.90 -2.17 -15.31
N ASN A 553 3.60 -3.20 -14.53
CA ASN A 553 3.87 -3.18 -13.10
C ASN A 553 5.32 -3.53 -12.69
N ALA A 554 5.88 -4.57 -13.32
CA ALA A 554 7.21 -5.07 -12.98
C ALA A 554 8.32 -4.84 -14.00
N GLY A 555 7.98 -4.33 -15.17
CA GLY A 555 8.99 -4.09 -16.20
C GLY A 555 9.08 -5.24 -17.19
N PRO A 556 9.32 -4.96 -18.48
CA PRO A 556 9.43 -6.02 -19.50
C PRO A 556 10.48 -7.10 -19.20
N GLY A 557 11.59 -6.71 -18.58
CA GLY A 557 12.66 -7.65 -18.25
C GLY A 557 12.19 -8.81 -17.37
N ARG A 558 11.45 -8.47 -16.32
CA ARG A 558 10.91 -9.46 -15.39
C ARG A 558 9.96 -10.39 -16.11
N VAL A 559 9.11 -9.86 -16.98
CA VAL A 559 8.17 -10.70 -17.72
C VAL A 559 8.94 -11.66 -18.63
N ARG A 560 10.01 -11.20 -19.28
CA ARG A 560 10.82 -12.09 -20.12
C ARG A 560 11.39 -13.25 -19.29
N THR A 561 11.91 -12.93 -18.11
CA THR A 561 12.44 -13.93 -17.19
C THR A 561 11.36 -14.95 -16.81
N TRP A 562 10.20 -14.46 -16.41
CA TRP A 562 9.11 -15.35 -16.04
C TRP A 562 8.69 -16.28 -17.18
N LEU A 563 8.66 -15.74 -18.39
CA LEU A 563 8.28 -16.56 -19.55
C LEU A 563 9.36 -17.59 -19.86
N GLY A 564 10.61 -17.24 -19.57
CA GLY A 564 11.72 -18.17 -19.79
C GLY A 564 11.64 -19.31 -18.77
N ASN A 565 11.08 -19.02 -17.60
CA ASN A 565 10.91 -20.01 -16.53
C ASN A 565 9.82 -21.03 -16.85
N SER A 566 8.63 -20.57 -17.22
CA SER A 566 7.52 -21.45 -17.54
C SER A 566 7.83 -22.19 -18.85
N ALA A 567 8.48 -21.47 -19.78
CA ALA A 567 8.93 -22.05 -21.05
C ALA A 567 7.91 -22.77 -21.93
N GLY A 568 6.70 -22.23 -22.00
CA GLY A 568 5.65 -22.82 -22.83
C GLY A 568 4.97 -24.07 -22.32
N ARG A 569 5.22 -24.43 -21.06
CA ARG A 569 4.66 -25.63 -20.45
C ARG A 569 3.32 -25.48 -19.75
N ILE A 570 2.87 -24.24 -19.53
CA ILE A 570 1.65 -24.05 -18.73
C ILE A 570 0.53 -23.22 -19.37
N ASP A 571 -0.63 -23.16 -18.72
CA ASP A 571 -1.73 -22.39 -19.25
C ASP A 571 -1.80 -20.96 -18.69
N ALA A 572 -2.72 -20.17 -19.20
CA ALA A 572 -2.87 -18.76 -18.81
C ALA A 572 -3.08 -18.53 -17.31
N VAL A 573 -3.95 -19.35 -16.71
CA VAL A 573 -4.26 -19.22 -15.28
C VAL A 573 -3.06 -19.61 -14.44
N ALA A 574 -2.36 -20.69 -14.83
CA ALA A 574 -1.18 -21.15 -14.11
C ALA A 574 -0.07 -20.09 -14.21
N PHE A 575 0.05 -19.43 -15.36
CA PHE A 575 1.07 -18.38 -15.49
C PHE A 575 0.76 -17.21 -14.53
N VAL A 576 -0.49 -16.78 -14.47
CA VAL A 576 -0.87 -15.69 -13.56
C VAL A 576 -0.62 -16.07 -12.11
N GLU A 577 -1.08 -17.26 -11.71
CA GLU A 577 -0.95 -17.70 -10.33
C GLU A 577 0.49 -17.94 -9.87
N SER A 578 1.36 -18.32 -10.81
CA SER A 578 2.75 -18.61 -10.49
C SER A 578 3.70 -17.41 -10.57
N ILE A 579 3.19 -16.24 -10.95
CA ILE A 579 4.03 -15.04 -10.97
C ILE A 579 4.62 -14.95 -9.55
N PRO A 580 5.95 -14.93 -9.44
CA PRO A 580 6.61 -14.89 -8.13
C PRO A 580 6.52 -13.65 -7.26
N PHE A 581 6.21 -12.50 -7.85
CA PHE A 581 6.05 -11.26 -7.09
C PHE A 581 4.59 -11.16 -6.69
N SER A 582 4.30 -11.21 -5.40
CA SER A 582 2.91 -11.14 -4.94
C SER A 582 2.19 -9.88 -5.40
N GLU A 583 2.90 -8.74 -5.43
CA GLU A 583 2.28 -7.48 -5.87
C GLU A 583 1.84 -7.56 -7.33
N THR A 584 2.71 -8.07 -8.19
CA THR A 584 2.41 -8.18 -9.62
C THR A 584 1.32 -9.21 -9.89
N ARG A 585 1.35 -10.32 -9.16
CA ARG A 585 0.33 -11.35 -9.32
C ARG A 585 -1.05 -10.75 -9.00
N GLY A 586 -1.14 -10.01 -7.88
CA GLY A 586 -2.39 -9.38 -7.51
C GLY A 586 -2.81 -8.30 -8.50
N TYR A 587 -1.83 -7.56 -9.01
CA TYR A 587 -2.07 -6.50 -9.99
C TYR A 587 -2.72 -7.08 -11.25
N VAL A 588 -2.15 -8.16 -11.77
CA VAL A 588 -2.65 -8.79 -12.98
C VAL A 588 -4.09 -9.30 -12.78
N LYS A 589 -4.33 -9.95 -11.65
CA LYS A 589 -5.66 -10.45 -11.33
C LYS A 589 -6.67 -9.29 -11.28
N ASN A 590 -6.31 -8.22 -10.59
CA ASN A 590 -7.19 -7.06 -10.52
C ASN A 590 -7.47 -6.46 -11.89
N VAL A 591 -6.42 -6.21 -12.66
CA VAL A 591 -6.60 -5.57 -13.96
C VAL A 591 -7.49 -6.38 -14.90
N LEU A 592 -7.33 -7.71 -14.91
CA LEU A 592 -8.15 -8.56 -15.75
C LEU A 592 -9.61 -8.53 -15.28
N ALA A 593 -9.84 -8.56 -13.96
CA ALA A 593 -11.21 -8.49 -13.44
C ALA A 593 -11.82 -7.10 -13.78
N TYR A 594 -11.02 -6.05 -13.65
CA TYR A 594 -11.50 -4.68 -13.92
C TYR A 594 -11.82 -4.44 -15.40
N ASP A 595 -11.01 -5.03 -16.27
CA ASP A 595 -11.23 -4.89 -17.71
C ASP A 595 -12.60 -5.52 -18.04
N ALA A 596 -12.91 -6.67 -17.43
CA ALA A 596 -14.22 -7.31 -17.64
C ALA A 596 -15.35 -6.39 -17.16
N TYR A 597 -15.18 -5.76 -15.99
CA TYR A 597 -16.20 -4.84 -15.48
C TYR A 597 -16.37 -3.67 -16.45
N TYR A 598 -15.26 -3.11 -16.94
CA TYR A 598 -15.33 -2.01 -17.88
C TYR A 598 -16.00 -2.40 -19.18
N ARG A 599 -15.71 -3.59 -19.68
CA ARG A 599 -16.36 -4.06 -20.89
C ARG A 599 -17.86 -4.15 -20.65
N TYR A 600 -18.26 -4.64 -19.47
CA TYR A 600 -19.67 -4.74 -19.15
C TYR A 600 -20.35 -3.38 -19.19
N PHE A 601 -19.77 -2.39 -18.51
CA PHE A 601 -20.36 -1.05 -18.48
C PHE A 601 -20.31 -0.32 -19.81
N MET A 602 -19.49 -0.82 -20.74
CA MET A 602 -19.40 -0.24 -22.08
C MET A 602 -20.33 -1.00 -23.05
N GLY A 603 -21.05 -1.99 -22.54
CA GLY A 603 -21.98 -2.75 -23.37
C GLY A 603 -21.42 -3.95 -24.10
N ASP A 604 -20.23 -4.40 -23.72
CA ASP A 604 -19.60 -5.55 -24.34
C ASP A 604 -19.62 -6.78 -23.43
N LYS A 605 -19.37 -7.95 -24.00
CA LYS A 605 -19.35 -9.21 -23.26
C LYS A 605 -18.11 -9.25 -22.35
N PRO A 606 -18.33 -9.43 -21.04
CA PRO A 606 -17.20 -9.46 -20.11
C PRO A 606 -16.40 -10.75 -19.93
N THR A 607 -16.20 -11.52 -21.00
CA THR A 607 -15.42 -12.77 -20.90
C THR A 607 -14.04 -12.39 -20.36
N LEU A 608 -13.53 -13.16 -19.41
CA LEU A 608 -12.24 -12.82 -18.79
C LEU A 608 -11.03 -12.67 -19.70
N MET A 609 -10.84 -13.65 -20.59
CA MET A 609 -9.71 -13.64 -21.52
C MET A 609 -10.17 -13.86 -22.95
N SER A 610 -9.37 -13.37 -23.88
CA SER A 610 -9.65 -13.56 -25.30
C SER A 610 -9.33 -15.04 -25.61
N ALA A 611 -9.81 -15.55 -26.72
CA ALA A 611 -9.54 -16.94 -27.09
C ALA A 611 -8.02 -17.15 -27.21
N THR A 612 -7.34 -16.15 -27.74
CA THR A 612 -5.88 -16.23 -27.91
C THR A 612 -5.15 -16.26 -26.58
N GLU A 613 -5.54 -15.39 -25.65
CA GLU A 613 -4.92 -15.37 -24.32
C GLU A 613 -5.20 -16.68 -23.59
N TRP A 614 -6.46 -17.11 -23.64
CA TRP A 614 -6.91 -18.32 -22.95
C TRP A 614 -6.22 -19.61 -23.44
N GLY A 615 -5.96 -19.69 -24.73
CA GLY A 615 -5.37 -20.89 -25.32
C GLY A 615 -3.88 -20.98 -25.57
N ARG A 616 -3.19 -19.86 -25.43
CA ARG A 616 -1.75 -19.77 -25.65
C ARG A 616 -0.95 -20.65 -24.66
N ARG A 617 0.24 -21.08 -25.08
CA ARG A 617 1.14 -21.82 -24.20
C ARG A 617 1.95 -20.75 -23.47
N TYR A 618 2.16 -20.93 -22.17
CA TYR A 618 2.90 -19.95 -21.36
C TYR A 618 4.17 -20.60 -20.79
#